data_2IT9
#
_entry.id   2IT9
#
_cell.length_a   59.723
_cell.length_b   81.021
_cell.length_c   124.352
_cell.angle_alpha   90.00
_cell.angle_beta   90.00
_cell.angle_gamma   90.00
#
_symmetry.space_group_name_H-M   'P 21 21 21'
#
loop_
_entity.id
_entity.type
_entity.pdbx_description
1 polymer 'Hypothetical protein'
2 non-polymer 'CHLORIDE ION'
3 non-polymer 'TRIETHYLENE GLYCOL'
4 non-polymer 1,2-ETHANEDIOL
5 non-polymer 2-AMINO-2-HYDROXYMETHYL-PROPANE-1,3-DIOL
6 water water
#
_entity_poly.entity_id   1
_entity_poly.type   'polypeptide(L)'
_entity_poly.pdbx_seq_one_letter_code
;G(MSE)IKKEGPGWRIIFDSSRDNFSTLIGGETWAIELDKSEWKILVEVV(MSE)ELCDQYKLVKEQL(MSE)GDEDITL
ELERRPWLAILNGDQYGWNLRLILSASGLFNRGAEVYWPRHVTNNVVNA(MSE)RS(MSE)WDSDYL
;
_entity_poly.pdbx_strand_id   A,B,C,D
#
loop_
_chem_comp.id
_chem_comp.type
_chem_comp.name
_chem_comp.formula
CL non-polymer 'CHLORIDE ION' 'Cl -1'
EDO non-polymer 1,2-ETHANEDIOL 'C2 H6 O2'
PGE non-polymer 'TRIETHYLENE GLYCOL' 'C6 H14 O4'
TRS non-polymer 2-AMINO-2-HYDROXYMETHYL-PROPANE-1,3-DIOL 'C4 H12 N O3 1'
#
# COMPACT_ATOMS: atom_id res chain seq x y z
N GLY A 1 22.55 -21.95 -14.16
CA GLY A 1 23.42 -21.41 -13.07
C GLY A 1 22.58 -20.72 -12.03
N MSE A 2 22.60 -19.38 -12.04
CA MSE A 2 21.88 -18.57 -11.05
CA MSE A 2 21.82 -18.68 -11.08
C MSE A 2 20.87 -17.68 -11.73
O MSE A 2 21.18 -17.08 -12.76
CB MSE A 2 22.83 -17.59 -10.28
CB MSE A 2 22.74 -18.02 -10.05
CG MSE A 2 22.10 -16.64 -9.28
CG MSE A 2 23.90 -18.98 -9.69
SE MSE A 2 23.04 -15.03 -8.63
SE MSE A 2 25.08 -18.48 -8.25
CE MSE A 2 23.06 -13.89 -10.24
CE MSE A 2 26.62 -19.42 -8.81
N ILE A 3 19.69 -17.58 -11.13
CA ILE A 3 18.65 -16.62 -11.54
C ILE A 3 18.35 -15.82 -10.28
N LYS A 4 18.58 -14.51 -10.33
CA LYS A 4 18.28 -13.66 -9.20
C LYS A 4 17.40 -12.48 -9.61
N LYS A 5 16.53 -12.11 -8.70
CA LYS A 5 15.67 -10.96 -8.85
C LYS A 5 15.74 -10.23 -7.53
N GLU A 6 15.83 -8.91 -7.59
CA GLU A 6 16.03 -8.12 -6.39
C GLU A 6 15.48 -6.71 -6.54
N GLY A 7 15.13 -6.10 -5.43
CA GLY A 7 14.72 -4.73 -5.41
C GLY A 7 14.79 -4.25 -3.96
N PRO A 8 14.46 -2.97 -3.74
CA PRO A 8 14.43 -2.45 -2.37
C PRO A 8 13.60 -3.32 -1.43
N GLY A 9 14.29 -3.92 -0.45
CA GLY A 9 13.68 -4.73 0.59
C GLY A 9 13.47 -6.20 0.33
N TRP A 10 13.91 -6.71 -0.83
CA TRP A 10 13.72 -8.11 -1.15
C TRP A 10 14.65 -8.69 -2.24
N ARG A 11 14.73 -10.01 -2.20
CA ARG A 11 15.40 -10.76 -3.22
C ARG A 11 14.92 -12.23 -3.25
N ILE A 12 15.06 -12.86 -4.40
CA ILE A 12 14.79 -14.26 -4.63
C ILE A 12 15.92 -14.78 -5.52
N ILE A 13 16.52 -15.91 -5.15
CA ILE A 13 17.64 -16.42 -5.90
C ILE A 13 17.49 -17.92 -6.10
N PHE A 14 17.67 -18.38 -7.33
CA PHE A 14 17.69 -19.81 -7.62
CA PHE A 14 17.68 -19.82 -7.66
C PHE A 14 19.11 -20.15 -8.08
N ASP A 15 19.67 -21.21 -7.49
CA ASP A 15 21.02 -21.69 -7.80
C ASP A 15 20.90 -23.15 -8.24
N SER A 16 21.00 -23.39 -9.54
CA SER A 16 20.83 -24.73 -10.10
C SER A 16 21.94 -25.69 -9.68
N SER A 17 23.04 -25.20 -9.13
CA SER A 17 24.12 -26.11 -8.68
C SER A 17 23.86 -26.78 -7.30
N ARG A 18 22.87 -26.29 -6.57
CA ARG A 18 22.54 -26.82 -5.25
C ARG A 18 21.61 -28.03 -5.38
N ASP A 19 21.94 -29.12 -4.69
CA ASP A 19 21.10 -30.33 -4.74
C ASP A 19 19.86 -30.26 -3.88
N ASN A 20 19.90 -29.49 -2.80
CA ASN A 20 18.80 -29.45 -1.84
C ASN A 20 18.17 -28.06 -1.76
N PHE A 21 18.87 -27.17 -1.07
CA PHE A 21 18.40 -25.85 -0.79
C PHE A 21 18.82 -24.93 -1.95
N SER A 22 18.11 -25.09 -3.06
CA SER A 22 18.40 -24.39 -4.31
C SER A 22 17.73 -23.01 -4.47
N THR A 23 16.85 -22.61 -3.55
CA THR A 23 16.24 -21.25 -3.60
C THR A 23 16.53 -20.44 -2.35
N LEU A 24 16.76 -19.15 -2.53
CA LEU A 24 16.87 -18.26 -1.39
C LEU A 24 15.80 -17.19 -1.52
N ILE A 25 15.15 -16.87 -0.41
CA ILE A 25 14.26 -15.72 -0.33
C ILE A 25 14.84 -14.77 0.70
N GLY A 26 14.75 -13.49 0.41
CA GLY A 26 15.27 -12.47 1.29
C GLY A 26 14.44 -11.21 1.51
N GLY A 27 14.51 -10.67 2.74
CA GLY A 27 13.95 -9.39 3.12
C GLY A 27 15.11 -8.41 3.36
N GLU A 28 14.84 -7.28 4.00
CA GLU A 28 15.93 -6.33 4.23
C GLU A 28 16.99 -6.87 5.20
N THR A 29 16.54 -7.54 6.24
CA THR A 29 17.42 -7.99 7.32
C THR A 29 17.50 -9.51 7.48
N TRP A 30 17.07 -10.27 6.47
CA TRP A 30 17.10 -11.72 6.60
C TRP A 30 17.06 -12.37 5.24
N ALA A 31 17.51 -13.63 5.20
CA ALA A 31 17.37 -14.49 4.03
C ALA A 31 17.33 -15.91 4.54
N ILE A 32 16.53 -16.78 3.91
CA ILE A 32 16.52 -18.18 4.22
C ILE A 32 16.52 -18.98 2.90
N GLU A 33 17.19 -20.12 2.93
CA GLU A 33 17.26 -21.02 1.77
C GLU A 33 16.08 -21.98 1.84
N LEU A 34 15.56 -22.38 0.69
CA LEU A 34 14.42 -23.30 0.60
C LEU A 34 14.68 -24.43 -0.34
N ASP A 35 14.08 -25.59 -0.05
CA ASP A 35 14.17 -26.73 -0.97
C ASP A 35 13.03 -26.60 -2.01
N LYS A 36 13.10 -27.35 -3.10
CA LYS A 36 12.12 -27.21 -4.20
C LYS A 36 10.66 -27.40 -3.77
N SER A 37 10.40 -28.36 -2.87
CA SER A 37 9.04 -28.59 -2.37
CA SER A 37 9.04 -28.60 -2.39
CA SER A 37 9.04 -28.59 -2.35
C SER A 37 8.53 -27.38 -1.58
N GLU A 38 9.38 -26.83 -0.71
CA GLU A 38 9.01 -25.65 0.06
C GLU A 38 8.76 -24.41 -0.84
N TRP A 39 9.59 -24.23 -1.86
CA TRP A 39 9.40 -23.17 -2.82
C TRP A 39 8.05 -23.28 -3.55
N LYS A 40 7.76 -24.43 -4.09
CA LYS A 40 6.50 -24.69 -4.84
C LYS A 40 5.27 -24.32 -4.00
N ILE A 41 5.24 -24.83 -2.78
CA ILE A 41 4.11 -24.56 -1.90
C ILE A 41 4.04 -23.08 -1.53
N LEU A 42 5.18 -22.46 -1.22
CA LEU A 42 5.24 -21.05 -0.90
C LEU A 42 4.55 -20.24 -1.98
N VAL A 43 4.94 -20.45 -3.22
CA VAL A 43 4.38 -19.67 -4.30
C VAL A 43 2.88 -19.89 -4.45
N GLU A 44 2.42 -21.12 -4.30
CA GLU A 44 1.02 -21.41 -4.39
C GLU A 44 0.22 -20.72 -3.25
N VAL A 45 0.81 -20.68 -2.06
CA VAL A 45 0.17 -20.06 -0.90
C VAL A 45 0.07 -18.55 -1.07
N VAL A 46 1.19 -17.95 -1.45
CA VAL A 46 1.25 -16.51 -1.64
C VAL A 46 0.31 -16.09 -2.78
N MSE A 47 0.28 -16.85 -3.89
CA MSE A 47 -0.60 -16.49 -5.01
C MSE A 47 -2.06 -16.57 -4.56
O MSE A 47 -2.88 -15.73 -4.93
CB MSE A 47 -0.44 -17.42 -6.22
CG MSE A 47 0.85 -17.33 -7.09
SE MSE A 47 1.40 -15.50 -7.43
CE MSE A 47 2.60 -15.28 -5.96
N GLU A 48 -2.38 -17.60 -3.78
CA GLU A 48 -3.74 -17.75 -3.29
C GLU A 48 -4.14 -16.59 -2.39
N LEU A 49 -3.26 -16.20 -1.46
CA LEU A 49 -3.57 -15.07 -0.57
C LEU A 49 -3.66 -13.76 -1.34
N CYS A 50 -2.68 -13.51 -2.20
CA CYS A 50 -2.65 -12.30 -3.01
C CYS A 50 -3.93 -12.16 -3.84
N ASP A 51 -4.35 -13.21 -4.54
CA ASP A 51 -5.56 -13.13 -5.35
C ASP A 51 -6.79 -12.82 -4.50
N GLN A 52 -6.90 -13.50 -3.36
CA GLN A 52 -8.04 -13.27 -2.48
C GLN A 52 -8.08 -11.85 -1.94
N TYR A 53 -6.93 -11.35 -1.52
CA TYR A 53 -6.82 -9.99 -1.07
C TYR A 53 -7.26 -9.01 -2.16
N LYS A 54 -6.78 -9.20 -3.39
CA LYS A 54 -7.15 -8.32 -4.51
CA LYS A 54 -7.14 -8.28 -4.47
C LYS A 54 -8.66 -8.23 -4.69
N LEU A 55 -9.37 -9.33 -4.41
CA LEU A 55 -10.84 -9.29 -4.53
C LEU A 55 -11.46 -8.49 -3.36
N VAL A 56 -11.09 -8.89 -2.15
CA VAL A 56 -11.53 -8.24 -0.91
C VAL A 56 -11.28 -6.72 -0.97
N LYS A 57 -10.13 -6.33 -1.49
CA LYS A 57 -9.66 -4.95 -1.60
C LYS A 57 -10.61 -3.91 -2.23
N GLU A 58 -11.57 -4.36 -3.02
CA GLU A 58 -12.48 -3.45 -3.70
C GLU A 58 -13.71 -3.13 -2.84
N GLN A 59 -13.88 -3.91 -1.76
CA GLN A 59 -14.94 -3.66 -0.80
C GLN A 59 -14.39 -2.93 0.45
N LEU A 60 -13.07 -2.80 0.54
CA LEU A 60 -12.43 -2.12 1.65
C LEU A 60 -12.47 -0.61 1.46
N MSE A 61 -13.16 0.06 2.36
CA MSE A 61 -13.30 1.50 2.29
CA MSE A 61 -13.32 1.51 2.33
C MSE A 61 -12.54 2.16 3.44
O MSE A 61 -12.39 1.59 4.50
CB MSE A 61 -14.79 1.87 2.30
CB MSE A 61 -14.79 1.87 2.50
CG MSE A 61 -15.64 0.84 1.53
CG MSE A 61 -15.62 1.34 1.38
SE MSE A 61 -17.35 1.42 0.89
SE MSE A 61 -14.88 2.07 -0.25
CE MSE A 61 -16.81 2.19 -0.55
CE MSE A 61 -15.28 0.42 -1.41
N GLY A 62 -12.04 3.35 3.19
CA GLY A 62 -11.31 4.10 4.20
C GLY A 62 -10.15 3.29 4.72
N ASP A 63 -10.09 3.21 6.04
CA ASP A 63 -9.01 2.51 6.72
C ASP A 63 -9.32 1.03 7.03
N GLU A 64 -10.46 0.53 6.54
N GLU A 64 -10.44 0.53 6.54
CA GLU A 64 -10.90 -0.86 6.79
CA GLU A 64 -10.86 -0.85 6.80
C GLU A 64 -9.78 -1.86 6.43
C GLU A 64 -9.75 -1.84 6.45
N ASP A 65 -9.55 -2.81 7.32
CA ASP A 65 -8.51 -3.77 7.10
C ASP A 65 -9.01 -5.19 7.02
N ILE A 66 -8.11 -6.04 6.57
CA ILE A 66 -8.36 -7.46 6.44
C ILE A 66 -7.13 -8.21 6.87
N THR A 67 -7.39 -9.35 7.46
CA THR A 67 -6.35 -10.31 7.83
C THR A 67 -6.77 -11.65 7.19
N LEU A 68 -5.83 -12.29 6.49
CA LEU A 68 -6.12 -13.56 5.83
C LEU A 68 -5.00 -14.49 6.23
N GLU A 69 -5.34 -15.65 6.76
CA GLU A 69 -4.32 -16.61 7.19
C GLU A 69 -4.56 -17.90 6.41
N LEU A 70 -3.47 -18.49 5.90
CA LEU A 70 -3.55 -19.73 5.16
C LEU A 70 -2.39 -20.62 5.55
N GLU A 71 -2.71 -21.80 6.00
CA GLU A 71 -1.71 -22.82 6.29
C GLU A 71 -1.83 -24.01 5.37
N ARG A 72 -0.74 -24.28 4.69
CA ARG A 72 -0.60 -25.43 3.86
CA ARG A 72 -0.59 -25.48 3.87
C ARG A 72 0.81 -25.91 4.25
N ARG A 73 0.90 -26.95 5.07
CA ARG A 73 2.18 -27.42 5.56
C ARG A 73 3.19 -27.57 4.45
N PRO A 74 4.45 -27.11 4.68
CA PRO A 74 5.04 -26.56 5.92
C PRO A 74 4.89 -25.08 6.15
N TRP A 75 4.02 -24.39 5.41
CA TRP A 75 3.88 -22.96 5.55
C TRP A 75 2.59 -22.48 6.21
N LEU A 76 2.73 -21.46 7.03
CA LEU A 76 1.59 -20.73 7.56
CA LEU A 76 1.61 -20.72 7.59
C LEU A 76 1.86 -19.27 7.20
N ALA A 77 0.95 -18.70 6.40
CA ALA A 77 1.15 -17.35 5.96
C ALA A 77 0.04 -16.44 6.44
N ILE A 78 0.40 -15.23 6.85
CA ILE A 78 -0.56 -14.26 7.37
C ILE A 78 -0.42 -12.97 6.62
N LEU A 79 -1.48 -12.59 5.94
CA LEU A 79 -1.54 -11.37 5.18
C LEU A 79 -2.38 -10.39 5.97
N ASN A 80 -1.86 -9.20 6.15
CA ASN A 80 -2.56 -8.09 6.81
C ASN A 80 -2.57 -6.90 5.86
N GLY A 81 -3.73 -6.34 5.56
CA GLY A 81 -3.73 -5.18 4.69
C GLY A 81 -4.96 -4.35 4.74
N ASP A 82 -4.98 -3.34 3.89
CA ASP A 82 -6.10 -2.45 3.73
C ASP A 82 -6.16 -2.18 2.24
N GLN A 83 -6.95 -1.20 1.83
CA GLN A 83 -7.07 -0.90 0.42
C GLN A 83 -5.78 -0.37 -0.24
N TYR A 84 -4.78 0.05 0.54
CA TYR A 84 -3.59 0.66 -0.01
C TYR A 84 -2.41 -0.30 -0.12
N GLY A 85 -2.47 -1.44 0.57
CA GLY A 85 -1.39 -2.39 0.50
C GLY A 85 -1.50 -3.46 1.55
N TRP A 86 -0.51 -4.35 1.54
CA TRP A 86 -0.48 -5.45 2.47
C TRP A 86 0.89 -5.95 2.83
N ASN A 87 1.03 -6.49 4.05
CA ASN A 87 2.28 -7.09 4.49
C ASN A 87 2.06 -8.59 4.63
N LEU A 88 3.16 -9.32 4.78
CA LEU A 88 3.10 -10.78 4.81
C LEU A 88 4.08 -11.37 5.79
N ARG A 89 3.54 -12.17 6.72
CA ARG A 89 4.32 -12.90 7.70
C ARG A 89 4.25 -14.37 7.32
N LEU A 90 5.42 -15.02 7.26
CA LEU A 90 5.51 -16.41 6.88
C LEU A 90 6.16 -17.21 8.02
N ILE A 91 5.53 -18.32 8.37
CA ILE A 91 6.07 -19.26 9.36
C ILE A 91 6.31 -20.59 8.66
N LEU A 92 7.58 -21.00 8.65
CA LEU A 92 8.00 -22.25 8.03
C LEU A 92 8.29 -23.26 9.12
N SER A 93 7.54 -24.35 9.13
CA SER A 93 7.69 -25.30 10.21
C SER A 93 8.80 -26.24 9.98
N ALA A 94 9.30 -26.73 11.08
CA ALA A 94 10.42 -27.65 11.08
C ALA A 94 9.93 -29.07 10.83
N PHE A 98 12.02 -32.86 8.62
CA PHE A 98 12.10 -31.85 9.65
C PHE A 98 13.27 -30.86 9.43
N ASN A 99 13.10 -30.02 8.40
CA ASN A 99 14.04 -28.96 8.02
C ASN A 99 13.98 -27.84 9.05
N ARG A 100 15.05 -27.06 9.24
CA ARG A 100 15.06 -25.92 10.20
C ARG A 100 13.85 -25.01 10.09
N GLY A 101 13.24 -24.66 11.21
CA GLY A 101 12.10 -23.76 11.21
C GLY A 101 12.55 -22.32 11.10
N ALA A 102 11.66 -21.50 10.60
CA ALA A 102 11.93 -20.08 10.47
C ALA A 102 10.64 -19.26 10.41
N GLU A 103 10.78 -17.95 10.59
CA GLU A 103 9.70 -17.02 10.44
C GLU A 103 10.31 -15.81 9.78
N VAL A 104 9.65 -15.28 8.75
CA VAL A 104 10.14 -14.14 8.02
C VAL A 104 8.97 -13.21 7.68
N TYR A 105 9.33 -12.02 7.21
CA TYR A 105 8.30 -10.96 6.99
C TYR A 105 8.70 -9.98 5.91
N TRP A 106 7.74 -9.64 5.03
CA TRP A 106 7.89 -8.57 4.04
C TRP A 106 6.82 -7.51 4.32
N PRO A 107 7.22 -6.23 4.30
CA PRO A 107 6.28 -5.17 4.59
C PRO A 107 5.45 -4.76 3.36
N ARG A 108 4.54 -3.83 3.57
CA ARG A 108 3.72 -3.27 2.47
C ARG A 108 4.55 -2.79 1.32
N HIS A 109 4.00 -2.94 0.12
CA HIS A 109 4.59 -2.41 -1.13
C HIS A 109 5.70 -3.34 -1.63
N VAL A 110 6.62 -3.69 -0.74
CA VAL A 110 7.61 -4.71 -1.05
C VAL A 110 6.93 -6.03 -1.53
N THR A 111 5.86 -6.40 -0.83
CA THR A 111 5.10 -7.62 -1.15
C THR A 111 4.67 -7.70 -2.62
N ASN A 112 4.22 -6.60 -3.17
CA ASN A 112 3.81 -6.57 -4.60
C ASN A 112 4.96 -6.92 -5.52
N ASN A 113 6.14 -6.46 -5.19
CA ASN A 113 7.31 -6.74 -6.02
C ASN A 113 7.74 -8.18 -5.87
N VAL A 114 7.65 -8.73 -4.66
CA VAL A 114 7.98 -10.12 -4.40
C VAL A 114 7.03 -11.01 -5.20
N VAL A 115 5.74 -10.68 -5.16
CA VAL A 115 4.75 -11.47 -5.87
C VAL A 115 5.05 -11.47 -7.36
N ASN A 116 5.28 -10.27 -7.90
CA ASN A 116 5.61 -10.17 -9.30
C ASN A 116 6.81 -11.03 -9.70
N ALA A 117 7.84 -11.06 -8.83
CA ALA A 117 9.05 -11.87 -9.07
C ALA A 117 8.72 -13.36 -9.00
N MSE A 118 7.90 -13.76 -8.04
CA MSE A 118 7.49 -15.16 -7.91
C MSE A 118 6.79 -15.63 -9.13
O MSE A 118 7.07 -16.74 -9.61
CB MSE A 118 6.56 -15.36 -6.71
CG MSE A 118 7.27 -15.25 -5.43
SE MSE A 118 6.04 -15.49 -3.94
CE MSE A 118 7.32 -15.60 -2.56
N ARG A 119 5.87 -14.81 -9.64
CA ARG A 119 5.13 -15.18 -10.84
C ARG A 119 5.97 -15.31 -12.12
N SER A 120 7.09 -14.59 -12.20
CA SER A 120 7.89 -14.58 -13.39
C SER A 120 9.27 -15.23 -13.30
N MSE A 121 9.55 -16.04 -12.27
CA MSE A 121 10.94 -16.56 -12.11
C MSE A 121 11.63 -17.19 -13.38
O MSE A 121 12.83 -16.99 -13.64
CB MSE A 121 11.04 -17.51 -10.93
CG MSE A 121 11.10 -16.86 -9.58
SE MSE A 121 12.60 -15.57 -9.18
CE MSE A 121 14.27 -16.64 -9.15
N TRP A 122 10.84 -17.93 -14.17
CA TRP A 122 11.31 -18.53 -15.44
C TRP A 122 10.85 -17.72 -16.66
N ASP A 123 10.40 -16.47 -16.40
CA ASP A 123 9.83 -15.42 -17.31
C ASP A 123 8.38 -15.02 -16.96
N MSE B 2 9.06 -22.08 28.57
CA MSE B 2 10.32 -22.80 28.22
C MSE B 2 11.48 -22.01 28.86
O MSE B 2 11.55 -21.95 30.08
CB MSE B 2 10.42 -22.91 26.70
CG MSE B 2 9.25 -23.65 26.07
SE MSE B 2 8.89 -23.00 24.29
CE MSE B 2 8.36 -21.07 24.76
N ILE B 3 12.39 -21.46 28.06
CA ILE B 3 13.47 -20.60 28.56
C ILE B 3 13.54 -19.48 27.48
N LYS B 4 13.20 -18.27 27.88
CA LYS B 4 13.00 -17.17 26.95
C LYS B 4 13.57 -15.84 27.44
N LYS B 5 14.34 -15.18 26.58
CA LYS B 5 14.87 -13.85 26.86
C LYS B 5 14.51 -12.96 25.69
N GLU B 6 13.99 -11.77 25.96
CA GLU B 6 13.60 -10.95 24.81
C GLU B 6 13.48 -9.51 25.13
N GLY B 7 13.36 -8.71 24.08
CA GLY B 7 13.16 -7.28 24.19
C GLY B 7 12.85 -6.71 22.82
N PRO B 8 12.81 -5.37 22.74
CA PRO B 8 12.54 -4.71 21.46
C PRO B 8 13.53 -5.11 20.38
N GLY B 9 13.00 -5.79 19.38
CA GLY B 9 13.76 -6.20 18.23
C GLY B 9 14.56 -7.47 18.36
N TRP B 10 14.38 -8.26 19.43
CA TRP B 10 15.14 -9.49 19.54
C TRP B 10 14.54 -10.47 20.51
N ARG B 11 14.91 -11.75 20.31
CA ARG B 11 14.50 -12.79 21.22
C ARG B 11 15.41 -13.98 21.07
N ILE B 12 15.55 -14.70 22.19
CA ILE B 12 16.26 -15.99 22.26
C ILE B 12 15.38 -16.91 23.08
N ILE B 13 15.00 -18.05 22.50
CA ILE B 13 14.14 -19.01 23.16
C ILE B 13 14.73 -20.41 23.08
N PHE B 14 14.83 -21.09 24.20
CA PHE B 14 15.31 -22.45 24.22
C PHE B 14 14.15 -23.36 24.66
N ASP B 15 13.86 -24.41 23.86
CA ASP B 15 12.78 -25.38 24.14
C ASP B 15 13.34 -26.80 24.26
N SER B 16 13.52 -27.27 25.49
CA SER B 16 14.16 -28.58 25.78
C SER B 16 13.44 -29.81 25.21
N SER B 17 12.15 -29.68 24.89
CA SER B 17 11.36 -30.79 24.33
C SER B 17 11.78 -31.10 22.89
N ARG B 18 12.44 -30.16 22.23
CA ARG B 18 12.92 -30.34 20.86
C ARG B 18 14.22 -31.13 20.90
N ASP B 19 14.20 -32.29 20.24
CA ASP B 19 15.38 -33.16 20.19
C ASP B 19 16.45 -32.61 19.25
N ASN B 20 16.08 -31.70 18.33
CA ASN B 20 17.03 -31.16 17.38
C ASN B 20 17.10 -29.63 17.40
N PHE B 21 16.16 -28.95 16.74
CA PHE B 21 16.16 -27.50 16.69
C PHE B 21 15.50 -26.92 17.97
N SER B 22 16.27 -26.95 19.05
CA SER B 22 15.79 -26.52 20.37
C SER B 22 16.00 -25.05 20.73
N THR B 23 16.67 -24.29 19.87
CA THR B 23 16.90 -22.85 20.13
C THR B 23 16.36 -22.03 18.98
N LEU B 24 15.78 -20.90 19.31
CA LEU B 24 15.27 -19.97 18.35
C LEU B 24 15.93 -18.62 18.65
N ILE B 25 16.43 -18.00 17.60
CA ILE B 25 16.92 -16.64 17.64
C ILE B 25 16.02 -15.79 16.73
N GLY B 26 15.71 -14.59 17.18
CA GLY B 26 14.91 -13.68 16.40
C GLY B 26 15.30 -12.22 16.43
N GLY B 27 14.93 -11.53 15.35
CA GLY B 27 15.08 -10.11 15.21
C GLY B 27 13.72 -9.50 15.02
N GLU B 28 13.66 -8.27 14.53
CA GLU B 28 12.37 -7.63 14.37
C GLU B 28 11.53 -8.28 13.29
N THR B 29 12.12 -8.65 12.17
CA THR B 29 11.33 -9.24 11.06
C THR B 29 11.68 -10.69 10.67
N TRP B 30 12.35 -11.42 11.55
CA TRP B 30 12.83 -12.75 11.25
C TRP B 30 13.08 -13.54 12.54
N ALA B 31 13.08 -14.85 12.39
CA ALA B 31 13.50 -15.77 13.41
C ALA B 31 13.96 -17.06 12.73
N ILE B 32 14.98 -17.72 13.29
CA ILE B 32 15.40 -19.04 12.80
C ILE B 32 15.69 -19.97 13.96
N GLU B 33 15.46 -21.26 13.77
CA GLU B 33 15.76 -22.25 14.79
C GLU B 33 17.20 -22.71 14.58
N LEU B 34 17.86 -23.11 15.65
CA LEU B 34 19.26 -23.59 15.58
C LEU B 34 19.41 -24.86 16.40
N ASP B 35 20.29 -25.77 15.95
CA ASP B 35 20.56 -26.98 16.72
C ASP B 35 21.59 -26.62 17.80
N LYS B 36 21.79 -27.52 18.76
CA LYS B 36 22.72 -27.25 19.88
C LYS B 36 24.13 -26.90 19.41
N SER B 37 24.61 -27.57 18.37
CA SER B 37 25.95 -27.30 17.86
C SER B 37 26.05 -25.90 17.28
N GLU B 38 25.07 -25.51 16.49
CA GLU B 38 25.03 -24.20 15.88
C GLU B 38 24.92 -23.09 16.90
N TRP B 39 24.10 -23.33 17.93
CA TRP B 39 23.92 -22.34 18.97
C TRP B 39 25.21 -22.15 19.73
N LYS B 40 25.86 -23.25 20.12
CA LYS B 40 27.13 -23.18 20.86
C LYS B 40 28.15 -22.37 20.09
N ILE B 41 28.31 -22.67 18.80
CA ILE B 41 29.31 -21.95 17.99
C ILE B 41 28.93 -20.46 17.82
N LEU B 42 27.65 -20.17 17.64
CA LEU B 42 27.20 -18.79 17.48
C LEU B 42 27.58 -17.95 18.70
N VAL B 43 27.28 -18.46 19.89
CA VAL B 43 27.58 -17.70 21.10
C VAL B 43 29.08 -17.47 21.15
N GLU B 44 29.88 -18.50 20.88
CA GLU B 44 31.34 -18.36 20.92
C GLU B 44 31.81 -17.25 19.99
N VAL B 45 31.33 -17.29 18.75
CA VAL B 45 31.69 -16.31 17.72
C VAL B 45 31.28 -14.90 18.08
N VAL B 46 30.02 -14.74 18.49
CA VAL B 46 29.51 -13.41 18.82
C VAL B 46 30.22 -12.83 20.04
N MSE B 47 30.47 -13.63 21.06
CA MSE B 47 31.16 -13.13 22.25
CA MSE B 47 31.17 -13.16 22.27
C MSE B 47 32.58 -12.68 21.91
O MSE B 47 33.03 -11.62 22.37
CB MSE B 47 31.15 -14.15 23.38
CB MSE B 47 31.27 -14.27 23.31
CG MSE B 47 29.77 -14.33 23.99
CG MSE B 47 29.93 -14.73 23.88
SE MSE B 47 29.73 -15.50 25.55
SE MSE B 47 29.01 -13.45 24.98
N GLU B 48 33.28 -13.46 21.11
CA GLU B 48 34.63 -13.10 20.68
C GLU B 48 34.65 -11.81 19.87
N LEU B 49 33.71 -11.68 18.93
CA LEU B 49 33.70 -10.52 18.03
C LEU B 49 33.35 -9.25 18.79
N CYS B 50 32.38 -9.38 19.70
CA CYS B 50 31.97 -8.28 20.54
C CYS B 50 33.09 -7.88 21.47
N ASP B 51 33.81 -8.85 22.05
CA ASP B 51 34.96 -8.54 22.88
C ASP B 51 36.05 -7.82 22.09
N GLN B 52 36.24 -8.26 20.84
CA GLN B 52 37.25 -7.64 20.00
C GLN B 52 36.85 -6.19 19.72
N TYR B 53 35.59 -6.00 19.36
CA TYR B 53 35.03 -4.67 19.12
C TYR B 53 35.15 -3.72 20.33
N LYS B 54 34.81 -4.20 21.51
CA LYS B 54 34.78 -3.36 22.70
C LYS B 54 36.16 -2.87 23.03
N LEU B 55 37.16 -3.72 22.81
CA LEU B 55 38.51 -3.30 23.07
C LEU B 55 39.03 -2.31 22.02
N VAL B 56 38.74 -2.58 20.75
CA VAL B 56 39.26 -1.76 19.67
C VAL B 56 38.53 -0.40 19.55
N LYS B 57 37.25 -0.34 19.93
CA LYS B 57 36.47 0.90 19.83
C LYS B 57 37.04 2.06 20.66
N GLU B 58 37.89 1.76 21.62
CA GLU B 58 38.48 2.76 22.47
C GLU B 58 39.50 3.61 21.73
N GLN B 59 40.01 3.14 20.60
CA GLN B 59 40.94 3.94 19.82
C GLN B 59 40.28 4.65 18.65
N LEU B 60 38.98 4.45 18.43
CA LEU B 60 38.29 5.13 17.33
C LEU B 60 38.06 6.60 17.67
N MSE B 61 38.54 7.49 16.79
CA MSE B 61 38.33 8.93 16.95
C MSE B 61 37.07 9.35 16.14
O MSE B 61 36.93 9.00 14.98
CB MSE B 61 39.53 9.72 16.45
N GLY B 62 36.17 10.12 16.77
CA GLY B 62 34.99 10.65 16.08
C GLY B 62 33.99 9.63 15.60
N ASP B 63 33.62 9.73 14.31
CA ASP B 63 32.68 8.78 13.72
C ASP B 63 33.39 7.81 12.76
N GLU B 64 34.67 7.62 13.02
CA GLU B 64 35.51 6.65 12.34
C GLU B 64 34.80 5.30 12.50
N ASP B 65 34.72 4.54 11.42
CA ASP B 65 34.04 3.26 11.43
C ASP B 65 35.02 2.12 11.53
N ILE B 66 34.52 0.93 11.84
CA ILE B 66 35.32 -0.31 11.86
C ILE B 66 34.49 -1.47 11.36
N THR B 67 35.11 -2.37 10.62
CA THR B 67 34.44 -3.57 10.18
C THR B 67 35.30 -4.72 10.64
N LEU B 68 34.69 -5.71 11.27
CA LEU B 68 35.37 -6.91 11.73
C LEU B 68 34.54 -8.10 11.27
N GLU B 69 35.24 -9.17 10.93
CA GLU B 69 34.61 -10.43 10.55
C GLU B 69 35.27 -11.53 11.33
N LEU B 70 34.51 -12.58 11.59
CA LEU B 70 35.04 -13.78 12.26
C LEU B 70 34.27 -14.95 11.70
N GLU B 71 34.97 -15.97 11.27
CA GLU B 71 34.32 -17.13 10.72
C GLU B 71 34.71 -18.36 11.53
N ARG B 72 33.68 -19.13 11.85
CA ARG B 72 33.81 -20.40 12.54
CA ARG B 72 33.79 -20.39 12.59
C ARG B 72 32.67 -21.26 12.01
N ARG B 73 33.00 -22.13 11.06
CA ARG B 73 31.95 -22.93 10.41
C ARG B 73 30.98 -23.55 11.43
N PRO B 74 29.65 -23.45 11.18
CA PRO B 74 28.99 -22.95 9.96
C PRO B 74 28.67 -21.46 9.87
N TRP B 75 29.27 -20.66 10.75
CA TRP B 75 28.96 -19.22 10.82
C TRP B 75 30.04 -18.26 10.31
N LEU B 76 29.60 -17.22 9.62
CA LEU B 76 30.40 -16.06 9.30
C LEU B 76 29.66 -14.90 9.95
N ALA B 77 30.34 -14.21 10.89
CA ALA B 77 29.77 -13.06 11.57
C ALA B 77 30.47 -11.80 11.07
N ILE B 78 29.70 -10.77 10.73
CA ILE B 78 30.26 -9.51 10.17
C ILE B 78 29.73 -8.36 11.01
N LEU B 79 30.66 -7.62 11.62
CA LEU B 79 30.36 -6.53 12.52
C LEU B 79 30.77 -5.21 11.90
N ASN B 80 29.87 -4.24 11.94
CA ASN B 80 30.15 -2.89 11.46
C ASN B 80 29.77 -1.95 12.56
N GLY B 81 30.69 -1.07 12.95
CA GLY B 81 30.35 -0.13 13.98
C GLY B 81 31.25 1.07 14.02
N ASP B 82 31.01 1.90 15.05
CA ASP B 82 31.82 3.06 15.31
C ASP B 82 31.99 3.05 16.83
N GLN B 83 32.46 4.15 17.40
CA GLN B 83 32.67 4.15 18.84
C GLN B 83 31.36 4.12 19.67
N TYR B 84 30.21 4.31 19.03
CA TYR B 84 28.95 4.39 19.73
C TYR B 84 28.06 3.15 19.63
N GLY B 85 28.33 2.26 18.67
CA GLY B 85 27.51 1.07 18.52
C GLY B 85 27.98 0.21 17.38
N TRP B 86 27.33 -0.94 17.23
CA TRP B 86 27.64 -1.88 16.18
C TRP B 86 26.43 -2.68 15.78
N ASN B 87 26.42 -3.11 14.51
CA ASN B 87 25.37 -3.98 13.94
C ASN B 87 26.03 -5.31 13.66
N LEU B 88 25.26 -6.35 13.39
CA LEU B 88 25.83 -7.65 13.21
C LEU B 88 25.03 -8.40 12.17
N ARG B 89 25.71 -8.91 11.16
CA ARG B 89 25.12 -9.72 10.11
C ARG B 89 25.70 -11.10 10.31
N LEU B 90 24.86 -12.13 10.26
CA LEU B 90 25.29 -13.49 10.51
C LEU B 90 24.91 -14.34 9.31
N ILE B 91 25.88 -15.09 8.78
CA ILE B 91 25.64 -15.97 7.65
C ILE B 91 25.87 -17.40 8.13
N LEU B 92 24.79 -18.18 8.09
CA LEU B 92 24.79 -19.58 8.49
C LEU B 92 24.79 -20.43 7.23
N SER B 93 25.91 -21.13 6.99
CA SER B 93 26.05 -21.96 5.82
C SER B 93 25.22 -23.19 6.02
N ALA B 94 24.62 -23.66 4.93
CA ALA B 94 23.80 -24.85 4.98
C ALA B 94 24.61 -26.08 5.29
N SER B 95 23.95 -27.04 5.94
CA SER B 95 24.55 -28.37 6.20
C SER B 95 23.47 -29.47 6.11
N GLY B 96 23.87 -30.62 5.60
CA GLY B 96 22.98 -31.78 5.49
C GLY B 96 21.57 -31.58 4.95
N LEU B 97 20.67 -32.45 5.42
CA LEU B 97 19.28 -32.49 4.94
C LEU B 97 18.33 -31.46 5.48
N PHE B 98 18.54 -31.05 6.72
CA PHE B 98 17.62 -30.14 7.39
C PHE B 98 18.12 -28.75 7.69
N ASN B 99 19.47 -28.60 7.75
CA ASN B 99 20.07 -27.35 8.16
C ASN B 99 20.20 -26.42 6.98
N ARG B 100 19.07 -25.79 6.65
CA ARG B 100 19.01 -24.82 5.58
C ARG B 100 19.94 -23.69 5.92
N GLY B 101 20.50 -23.07 4.91
CA GLY B 101 21.27 -21.87 5.19
C GLY B 101 20.34 -20.71 5.51
N ALA B 102 20.91 -19.66 6.08
CA ALA B 102 20.18 -18.44 6.42
C ALA B 102 21.15 -17.30 6.63
N GLU B 103 20.63 -16.08 6.62
CA GLU B 103 21.41 -14.87 6.87
C GLU B 103 20.48 -13.99 7.72
N VAL B 104 20.99 -13.45 8.81
CA VAL B 104 20.15 -12.69 9.70
C VAL B 104 20.95 -11.49 10.19
N TYR B 105 20.26 -10.53 10.79
CA TYR B 105 20.91 -9.27 11.15
C TYR B 105 20.23 -8.59 12.29
N TRP B 106 21.04 -8.06 13.21
CA TRP B 106 20.53 -7.24 14.29
C TRP B 106 21.19 -5.85 14.15
N PRO B 107 20.40 -4.78 14.35
CA PRO B 107 20.93 -3.43 14.15
C PRO B 107 21.65 -2.90 15.36
N ARG B 108 22.21 -1.70 15.19
CA ARG B 108 22.92 -1.00 16.25
C ARG B 108 22.07 -0.95 17.53
N HIS B 109 22.76 -1.07 18.66
CA HIS B 109 22.15 -0.93 19.99
C HIS B 109 21.39 -2.16 20.48
N VAL B 110 20.55 -2.71 19.61
CA VAL B 110 19.89 -4.00 19.87
C VAL B 110 20.95 -5.11 20.10
N THR B 111 22.02 -5.10 19.31
CA THR B 111 23.15 -6.06 19.45
C THR B 111 23.65 -6.19 20.88
N ASN B 112 23.83 -5.08 21.58
CA ASN B 112 24.29 -5.15 22.97
C ASN B 112 23.33 -5.93 23.86
N ASN B 113 22.04 -5.78 23.61
CA ASN B 113 21.05 -6.48 24.40
C ASN B 113 21.10 -7.96 24.09
N VAL B 114 21.30 -8.27 22.82
CA VAL B 114 21.39 -9.65 22.37
C VAL B 114 22.60 -10.35 23.00
N VAL B 115 23.79 -9.76 22.92
CA VAL B 115 24.99 -10.41 23.48
CA VAL B 115 25.02 -10.34 23.49
C VAL B 115 24.90 -10.54 24.99
N ASN B 116 24.28 -9.58 25.67
CA ASN B 116 24.09 -9.70 27.13
C ASN B 116 23.24 -10.93 27.43
N ALA B 117 22.18 -11.15 26.65
CA ALA B 117 21.32 -12.33 26.82
C ALA B 117 22.12 -13.60 26.59
N MSE B 118 22.86 -13.65 25.49
CA MSE B 118 23.71 -14.83 25.19
C MSE B 118 24.67 -15.16 26.31
O MSE B 118 24.79 -16.31 26.75
CB MSE B 118 24.50 -14.59 23.91
CG MSE B 118 23.68 -14.59 22.70
SE MSE B 118 24.78 -14.27 21.13
CE MSE B 118 23.45 -14.47 19.77
N ARG B 119 25.36 -14.12 26.78
CA ARG B 119 26.35 -14.20 27.86
C ARG B 119 25.78 -14.78 29.13
N SER B 120 24.55 -14.41 29.47
CA SER B 120 23.93 -14.96 30.66
C SER B 120 23.61 -16.44 30.41
N MSE B 121 23.33 -16.81 29.16
CA MSE B 121 23.05 -18.21 28.83
C MSE B 121 24.32 -18.93 28.37
O MSE B 121 24.89 -19.74 29.10
CB MSE B 121 22.03 -18.27 27.70
CG MSE B 121 20.77 -17.50 27.97
SE MSE B 121 19.82 -17.31 26.29
CE MSE B 121 19.06 -19.20 26.15
N MSE C 2 -7.87 20.32 -28.91
CA MSE C 2 -8.36 18.98 -28.47
C MSE C 2 -7.21 17.97 -28.23
O MSE C 2 -6.81 17.24 -29.14
CB MSE C 2 -9.38 18.43 -29.48
CG MSE C 2 -9.93 17.03 -29.18
SE MSE C 2 -10.75 16.82 -27.42
CE MSE C 2 -12.37 17.92 -27.66
N ILE C 3 -6.70 17.92 -26.99
CA ILE C 3 -5.62 16.99 -26.62
C ILE C 3 -6.09 16.03 -25.52
N LYS C 4 -5.84 14.74 -25.72
CA LYS C 4 -6.25 13.71 -24.77
C LYS C 4 -5.09 12.80 -24.39
N LYS C 5 -5.01 12.46 -23.12
CA LYS C 5 -4.02 11.53 -22.62
C LYS C 5 -4.73 10.71 -21.57
N GLU C 6 -4.53 9.40 -21.58
CA GLU C 6 -5.23 8.58 -20.61
C GLU C 6 -4.61 7.22 -20.48
N GLY C 7 -4.97 6.57 -19.39
CA GLY C 7 -4.54 5.22 -19.11
C GLY C 7 -5.37 4.67 -17.96
N PRO C 8 -5.04 3.46 -17.53
CA PRO C 8 -5.75 2.85 -16.44
C PRO C 8 -5.87 3.77 -15.22
N GLY C 9 -7.09 4.18 -14.91
CA GLY C 9 -7.32 5.01 -13.75
C GLY C 9 -7.04 6.52 -13.84
N TRP C 10 -6.83 7.07 -15.04
CA TRP C 10 -6.59 8.51 -15.15
C TRP C 10 -6.81 9.01 -16.57
N ARG C 11 -7.08 10.30 -16.66
CA ARG C 11 -7.24 10.95 -17.96
C ARG C 11 -7.10 12.46 -17.78
N ILE C 12 -6.64 13.12 -18.85
CA ILE C 12 -6.46 14.56 -18.94
C ILE C 12 -6.84 14.87 -20.36
N ILE C 13 -7.80 15.79 -20.52
CA ILE C 13 -8.30 16.19 -21.80
C ILE C 13 -8.37 17.69 -21.88
N PHE C 14 -7.74 18.25 -22.89
CA PHE C 14 -7.81 19.68 -23.14
C PHE C 14 -8.66 19.87 -24.38
N ASP C 15 -9.61 20.78 -24.29
CA ASP C 15 -10.52 21.05 -25.39
C ASP C 15 -10.50 22.55 -25.65
N SER C 16 -9.85 22.95 -26.74
CA SER C 16 -9.65 24.35 -27.09
C SER C 16 -10.92 25.07 -27.49
N SER C 17 -12.01 24.34 -27.68
CA SER C 17 -13.28 24.97 -28.06
C SER C 17 -13.91 25.67 -26.87
N ARG C 18 -13.40 25.39 -25.67
CA ARG C 18 -13.97 25.93 -24.43
C ARG C 18 -13.38 27.29 -24.02
N ASP C 19 -14.27 28.25 -23.73
CA ASP C 19 -13.87 29.60 -23.31
C ASP C 19 -13.59 29.74 -21.81
N ASN C 20 -14.00 28.73 -21.00
CA ASN C 20 -13.85 28.77 -19.55
CA ASN C 20 -13.76 28.79 -19.55
C ASN C 20 -13.09 27.54 -18.98
N PHE C 21 -13.81 26.44 -18.80
CA PHE C 21 -13.24 25.24 -18.22
C PHE C 21 -12.76 24.32 -19.32
N SER C 22 -11.57 24.60 -19.83
CA SER C 22 -11.08 23.88 -21.01
C SER C 22 -10.24 22.66 -20.73
N THR C 23 -9.97 22.35 -19.48
CA THR C 23 -9.25 21.12 -19.19
C THR C 23 -10.00 20.23 -18.20
N LEU C 24 -10.07 18.95 -18.51
CA LEU C 24 -10.66 17.96 -17.64
C LEU C 24 -9.58 17.05 -17.08
N ILE C 25 -9.59 16.86 -15.76
CA ILE C 25 -8.75 15.85 -15.11
C ILE C 25 -9.67 14.75 -14.57
N GLY C 26 -9.22 13.51 -14.60
CA GLY C 26 -10.06 12.41 -14.15
C GLY C 26 -9.31 11.28 -13.54
N GLY C 27 -10.01 10.57 -12.65
CA GLY C 27 -9.55 9.34 -12.04
C GLY C 27 -10.56 8.28 -12.43
N GLU C 28 -10.58 7.16 -11.72
CA GLU C 28 -11.45 6.08 -12.07
C GLU C 28 -12.93 6.40 -11.85
N THR C 29 -13.24 7.08 -10.75
CA THR C 29 -14.65 7.36 -10.38
C THR C 29 -15.04 8.84 -10.40
N TRP C 30 -14.16 9.72 -10.91
CA TRP C 30 -14.42 11.13 -10.92
C TRP C 30 -13.75 11.85 -12.12
N ALA C 31 -14.23 13.04 -12.36
CA ALA C 31 -13.66 13.97 -13.33
C ALA C 31 -14.13 15.36 -12.97
N ILE C 32 -13.24 16.32 -13.06
CA ILE C 32 -13.59 17.73 -12.84
C ILE C 32 -12.94 18.57 -13.97
N GLU C 33 -13.59 19.68 -14.35
CA GLU C 33 -13.09 20.61 -15.36
C GLU C 33 -12.38 21.74 -14.66
N LEU C 34 -11.32 22.26 -15.28
CA LEU C 34 -10.47 23.30 -14.72
C LEU C 34 -10.35 24.44 -15.69
N ASP C 35 -10.29 25.68 -15.19
CA ASP C 35 -10.05 26.82 -16.07
C ASP C 35 -8.53 26.87 -16.36
N LYS C 36 -8.13 27.75 -17.28
CA LYS C 36 -6.73 27.77 -17.74
C LYS C 36 -5.76 28.12 -16.61
N SER C 37 -6.13 29.07 -15.77
CA SER C 37 -5.30 29.47 -14.65
CA SER C 37 -5.28 29.46 -14.65
C SER C 37 -5.13 28.30 -13.65
N GLU C 38 -6.24 27.60 -13.36
CA GLU C 38 -6.22 26.47 -12.43
C GLU C 38 -5.37 25.34 -12.97
N TRP C 39 -5.49 25.06 -14.25
CA TRP C 39 -4.69 24.03 -14.88
C TRP C 39 -3.17 24.36 -14.80
N LYS C 40 -2.82 25.58 -15.18
CA LYS C 40 -1.43 26.02 -15.16
C LYS C 40 -0.83 25.90 -13.76
N ILE C 41 -1.56 26.37 -12.76
CA ILE C 41 -1.05 26.28 -11.38
C ILE C 41 -0.88 24.82 -10.94
N LEU C 42 -1.88 23.99 -11.27
CA LEU C 42 -1.86 22.59 -10.90
C LEU C 42 -0.60 21.92 -11.44
N VAL C 43 -0.36 22.09 -12.74
CA VAL C 43 0.82 21.47 -13.37
C VAL C 43 2.10 21.94 -12.72
N GLU C 44 2.22 23.23 -12.42
CA GLU C 44 3.40 23.74 -11.72
C GLU C 44 3.59 23.16 -10.31
N VAL C 45 2.50 23.07 -9.55
CA VAL C 45 2.53 22.49 -8.20
C VAL C 45 2.92 21.02 -8.21
N VAL C 46 2.27 20.24 -9.07
CA VAL C 46 2.58 18.80 -9.13
C VAL C 46 4.04 18.54 -9.58
N MSE C 47 4.53 19.29 -10.57
CA MSE C 47 5.89 19.08 -11.05
CA MSE C 47 5.90 19.13 -11.06
C MSE C 47 6.89 19.41 -9.94
O MSE C 47 7.88 18.72 -9.79
CB MSE C 47 6.18 19.86 -12.34
CB MSE C 47 6.21 20.11 -12.20
CG MSE C 47 5.43 19.28 -13.54
CG MSE C 47 5.45 19.86 -13.48
SE MSE C 47 5.81 20.20 -15.22
SE MSE C 47 5.85 18.17 -14.27
N GLU C 48 6.58 20.44 -9.16
CA GLU C 48 7.43 20.82 -8.04
C GLU C 48 7.40 19.72 -6.97
N LEU C 49 6.20 19.20 -6.64
CA LEU C 49 6.12 18.08 -5.64
C LEU C 49 6.89 16.84 -6.10
N CYS C 50 6.78 16.51 -7.38
CA CYS C 50 7.51 15.38 -7.93
CA CYS C 50 7.53 15.39 -7.93
C CYS C 50 9.01 15.61 -7.81
N ASP C 51 9.48 16.79 -8.22
CA ASP C 51 10.90 17.12 -8.12
C ASP C 51 11.41 16.99 -6.70
N GLN C 52 10.68 17.53 -5.75
CA GLN C 52 11.06 17.45 -4.33
C GLN C 52 11.08 16.01 -3.81
N TYR C 53 10.08 15.23 -4.20
CA TYR C 53 10.02 13.83 -3.78
C TYR C 53 11.24 13.07 -4.29
N LYS C 54 11.57 13.28 -5.55
CA LYS C 54 12.74 12.66 -6.16
C LYS C 54 14.02 12.98 -5.39
N LEU C 55 14.14 14.21 -4.89
CA LEU C 55 15.31 14.57 -4.08
CA LEU C 55 15.30 14.56 -4.09
C LEU C 55 15.30 13.82 -2.73
N VAL C 56 14.15 13.78 -2.08
CA VAL C 56 13.97 13.10 -0.78
C VAL C 56 14.17 11.56 -0.88
N LYS C 57 13.63 10.99 -1.95
CA LYS C 57 13.54 9.54 -2.13
C LYS C 57 14.75 8.69 -1.84
N GLU C 58 15.90 9.05 -2.37
CA GLU C 58 17.04 8.16 -2.16
C GLU C 58 17.62 8.26 -0.75
N GLN C 59 17.23 9.28 0.03
CA GLN C 59 17.61 9.31 1.44
C GLN C 59 16.61 8.57 2.35
N LEU C 60 15.41 8.24 1.85
CA LEU C 60 14.42 7.56 2.66
C LEU C 60 14.91 6.16 3.04
N MSE C 61 14.58 5.74 4.27
CA MSE C 61 15.05 4.48 4.79
C MSE C 61 13.89 3.58 5.10
O MSE C 61 12.96 4.01 5.76
CB MSE C 61 15.85 4.74 6.06
CG MSE C 61 16.99 5.69 5.83
SE MSE C 61 18.08 5.78 7.38
CE MSE C 61 18.90 4.01 7.30
N GLY C 62 13.91 2.36 4.58
CA GLY C 62 12.85 1.40 4.83
C GLY C 62 11.49 1.90 4.47
N ASP C 63 10.57 1.80 5.44
CA ASP C 63 9.21 2.25 5.28
C ASP C 63 8.97 3.71 5.67
N GLU C 64 10.04 4.50 5.79
CA GLU C 64 9.88 5.91 6.14
C GLU C 64 8.88 6.62 5.24
N ASP C 65 7.96 7.39 5.83
CA ASP C 65 6.96 8.08 5.10
C ASP C 65 7.32 9.55 4.94
N ILE C 66 6.87 10.11 3.83
CA ILE C 66 7.07 11.52 3.49
C ILE C 66 5.72 12.11 3.09
N THR C 67 5.43 13.31 3.60
CA THR C 67 4.25 14.05 3.20
C THR C 67 4.70 15.46 2.91
N LEU C 68 4.33 15.96 1.74
CA LEU C 68 4.61 17.33 1.35
C LEU C 68 3.27 17.96 1.04
N GLU C 69 3.02 19.11 1.66
CA GLU C 69 1.75 19.84 1.48
C GLU C 69 2.08 21.24 0.96
N LEU C 70 1.69 21.49 -0.29
CA LEU C 70 2.01 22.72 -0.98
C LEU C 70 0.74 23.37 -1.45
N GLU C 71 0.56 24.61 -1.04
CA GLU C 71 -0.59 25.36 -1.43
C GLU C 71 -0.25 26.53 -2.34
N ARG C 72 -0.92 26.56 -3.48
CA ARG C 72 -0.85 27.69 -4.40
CA ARG C 72 -0.83 27.69 -4.40
C ARG C 72 -2.28 27.88 -4.80
N ARG C 73 -2.93 28.86 -4.18
CA ARG C 73 -4.35 29.05 -4.37
C ARG C 73 -4.74 29.04 -5.85
N PRO C 74 -5.86 28.36 -6.19
CA PRO C 74 -6.82 27.70 -5.30
C PRO C 74 -6.54 26.24 -4.91
N TRP C 75 -5.31 25.79 -5.09
CA TRP C 75 -4.99 24.40 -4.82
C TRP C 75 -4.18 24.17 -3.57
N LEU C 76 -4.51 23.08 -2.90
CA LEU C 76 -3.67 22.52 -1.83
C LEU C 76 -3.40 21.12 -2.34
N ALA C 77 -2.13 20.83 -2.63
CA ALA C 77 -1.68 19.55 -3.13
C ALA C 77 -0.89 18.83 -2.04
N ILE C 78 -1.25 17.57 -1.85
CA ILE C 78 -0.68 16.75 -0.79
C ILE C 78 -0.13 15.46 -1.40
N LEU C 79 1.20 15.38 -1.42
CA LEU C 79 1.93 14.20 -1.86
C LEU C 79 2.23 13.38 -0.60
N ASN C 80 1.85 12.11 -0.60
CA ASN C 80 2.11 11.20 0.53
C ASN C 80 2.72 9.91 -0.03
N GLY C 81 3.83 9.47 0.53
CA GLY C 81 4.45 8.28 0.09
C GLY C 81 5.63 7.81 0.91
N ASP C 82 6.48 7.07 0.24
CA ASP C 82 7.67 6.44 0.82
C ASP C 82 8.62 6.16 -0.36
N GLN C 83 9.65 5.37 -0.14
CA GLN C 83 10.61 5.09 -1.20
C GLN C 83 10.00 4.25 -2.33
N TYR C 84 8.82 3.68 -2.11
CA TYR C 84 8.23 2.78 -3.10
C TYR C 84 7.22 3.43 -3.99
N GLY C 85 6.73 4.62 -3.64
CA GLY C 85 5.74 5.31 -4.48
C GLY C 85 5.07 6.39 -3.68
N TRP C 86 4.14 7.11 -4.31
CA TRP C 86 3.42 8.17 -3.69
C TRP C 86 2.03 8.38 -4.32
N ASN C 87 1.09 8.84 -3.51
CA ASN C 87 -0.27 9.15 -3.95
C ASN C 87 -0.41 10.65 -3.87
N LEU C 88 -1.48 11.18 -4.48
CA LEU C 88 -1.66 12.61 -4.56
C LEU C 88 -3.11 12.94 -4.27
N ARG C 89 -3.29 13.83 -3.32
CA ARG C 89 -4.62 14.29 -2.98
C ARG C 89 -4.67 15.76 -3.33
N LEU C 90 -5.73 16.20 -4.00
CA LEU C 90 -5.81 17.59 -4.36
C LEU C 90 -7.07 18.20 -3.81
N ILE C 91 -6.93 19.35 -3.17
CA ILE C 91 -8.04 20.09 -2.61
C ILE C 91 -8.12 21.43 -3.36
N LEU C 92 -9.20 21.59 -4.10
CA LEU C 92 -9.47 22.76 -4.92
C LEU C 92 -10.47 23.62 -4.18
N SER C 93 -10.05 24.79 -3.73
CA SER C 93 -10.97 25.66 -3.00
C SER C 93 -11.91 26.31 -3.99
N ALA C 94 -13.16 26.50 -3.57
CA ALA C 94 -14.13 27.21 -4.38
C ALA C 94 -13.59 28.64 -4.49
N SER C 95 -13.76 29.28 -5.63
CA SER C 95 -13.16 30.60 -5.76
C SER C 95 -14.03 31.69 -6.37
N GLY C 96 -15.31 31.40 -6.61
CA GLY C 96 -16.19 32.42 -7.15
C GLY C 96 -17.57 31.85 -7.43
N LEU C 97 -18.32 32.57 -8.26
CA LEU C 97 -19.66 32.22 -8.60
C LEU C 97 -19.77 30.88 -9.32
N PHE C 98 -18.76 30.56 -10.14
CA PHE C 98 -18.79 29.33 -10.96
C PHE C 98 -17.76 28.25 -10.61
N ASN C 99 -16.68 28.64 -9.96
CA ASN C 99 -15.57 27.76 -9.64
C ASN C 99 -15.79 26.98 -8.34
N ARG C 100 -16.56 25.90 -8.44
CA ARG C 100 -16.88 25.05 -7.28
C ARG C 100 -15.64 24.43 -6.70
N GLY C 101 -15.71 24.13 -5.42
CA GLY C 101 -14.68 23.37 -4.76
C GLY C 101 -14.76 21.88 -5.02
N ALA C 102 -13.63 21.23 -4.84
CA ALA C 102 -13.55 19.82 -5.02
C ALA C 102 -12.38 19.25 -4.29
N GLU C 103 -12.41 17.94 -4.09
CA GLU C 103 -11.27 17.18 -3.52
C GLU C 103 -11.20 15.91 -4.33
N VAL C 104 -10.02 15.62 -4.86
CA VAL C 104 -9.81 14.44 -5.68
C VAL C 104 -8.51 13.73 -5.30
N TYR C 105 -8.45 12.45 -5.64
CA TYR C 105 -7.31 11.62 -5.27
C TYR C 105 -6.91 10.69 -6.37
N TRP C 106 -5.61 10.61 -6.60
CA TRP C 106 -5.01 9.63 -7.49
C TRP C 106 -4.13 8.72 -6.61
N PRO C 107 -4.27 7.40 -6.77
CA PRO C 107 -3.49 6.45 -5.98
C PRO C 107 -2.07 6.26 -6.52
N ARG C 108 -1.23 5.59 -5.76
CA ARG C 108 0.16 5.32 -6.13
C ARG C 108 0.45 4.79 -7.52
N HIS C 109 -0.38 3.89 -7.97
CA HIS C 109 -0.11 3.16 -9.24
C HIS C 109 -0.40 3.99 -10.52
N VAL C 110 -0.88 5.20 -10.29
CA VAL C 110 -1.29 6.14 -11.31
C VAL C 110 -0.51 7.46 -11.33
N THR C 111 -0.02 7.92 -10.18
CA THR C 111 0.62 9.24 -10.10
C THR C 111 1.78 9.47 -11.07
N ASN C 112 2.65 8.49 -11.27
CA ASN C 112 3.73 8.66 -12.24
C ASN C 112 3.18 8.90 -13.64
N ASN C 113 2.12 8.19 -14.00
CA ASN C 113 1.53 8.36 -15.33
C ASN C 113 0.91 9.73 -15.46
N VAL C 114 0.24 10.19 -14.41
CA VAL C 114 -0.40 11.51 -14.43
C VAL C 114 0.66 12.63 -14.57
N VAL C 115 1.70 12.56 -13.75
CA VAL C 115 2.76 13.55 -13.77
C VAL C 115 3.45 13.59 -15.11
N ASN C 116 3.69 12.43 -15.70
CA ASN C 116 4.33 12.34 -16.99
C ASN C 116 3.50 12.98 -18.10
N ALA C 117 2.19 12.74 -18.06
CA ALA C 117 1.26 13.36 -19.00
C ALA C 117 1.28 14.88 -18.82
N MSE C 118 1.26 15.34 -17.58
CA MSE C 118 1.31 16.77 -17.33
C MSE C 118 2.58 17.37 -17.88
O MSE C 118 2.53 18.45 -18.50
CB MSE C 118 1.25 17.06 -15.83
CG MSE C 118 -0.11 16.83 -15.25
SE MSE C 118 -0.07 17.20 -13.35
CE MSE C 118 -1.90 16.90 -12.97
N ARG C 119 3.70 16.70 -17.67
CA ARG C 119 4.98 17.22 -18.11
C ARG C 119 5.02 17.27 -19.63
N SER C 120 4.42 16.31 -20.31
CA SER C 120 4.48 16.29 -21.78
C SER C 120 3.47 17.22 -22.48
N MSE C 121 2.65 17.94 -21.72
CA MSE C 121 1.69 18.87 -22.32
C MSE C 121 1.74 20.22 -21.60
O MSE C 121 2.71 20.55 -20.92
CB MSE C 121 0.29 18.25 -22.29
CG MSE C 121 -0.37 18.22 -20.96
SE MSE C 121 -1.94 17.05 -20.88
CE MSE C 121 -3.03 17.88 -22.31
N MSE D 2 -22.56 23.23 11.02
CA MSE D 2 -22.24 22.32 9.89
C MSE D 2 -22.86 20.95 10.15
O MSE D 2 -22.76 20.41 11.25
CB MSE D 2 -20.73 22.21 9.73
CG MSE D 2 -20.32 21.84 8.35
SE MSE D 2 -18.48 22.28 7.98
CE MSE D 2 -18.41 24.18 8.54
N ILE D 3 -23.52 20.41 9.12
CA ILE D 3 -24.27 19.17 9.20
C ILE D 3 -23.64 18.08 8.31
N LYS D 4 -23.38 16.91 8.86
CA LYS D 4 -22.73 15.83 8.12
C LYS D 4 -23.41 14.48 8.26
N LYS D 5 -23.47 13.75 7.16
CA LYS D 5 -23.93 12.37 7.14
C LYS D 5 -22.87 11.63 6.34
N GLU D 6 -22.48 10.47 6.84
CA GLU D 6 -21.44 9.71 6.16
C GLU D 6 -21.43 8.26 6.55
N GLY D 7 -20.76 7.50 5.71
CA GLY D 7 -20.51 6.09 5.94
C GLY D 7 -19.41 5.65 5.00
N PRO D 8 -19.07 4.35 5.04
CA PRO D 8 -18.08 3.80 4.14
C PRO D 8 -18.36 4.11 2.70
N GLY D 9 -17.44 4.87 2.10
CA GLY D 9 -17.55 5.19 0.70
C GLY D 9 -18.38 6.40 0.35
N TRP D 10 -18.89 7.14 1.35
CA TRP D 10 -19.70 8.31 1.02
C TRP D 10 -19.83 9.32 2.14
N ARG D 11 -20.23 10.52 1.75
CA ARG D 11 -20.50 11.60 2.68
C ARG D 11 -21.29 12.73 2.01
N ILE D 12 -22.03 13.43 2.85
CA ILE D 12 -22.83 14.58 2.43
C ILE D 12 -22.67 15.56 3.61
N ILE D 13 -22.23 16.77 3.29
CA ILE D 13 -21.99 17.80 4.29
C ILE D 13 -22.59 19.12 3.85
N PHE D 14 -23.37 19.73 4.74
CA PHE D 14 -23.97 21.04 4.50
C PHE D 14 -23.35 22.03 5.46
N ASP D 15 -22.86 23.15 4.94
CA ASP D 15 -22.23 24.22 5.73
C ASP D 15 -23.11 25.46 5.57
N SER D 16 -23.90 25.75 6.59
CA SER D 16 -24.80 26.91 6.56
C SER D 16 -24.07 28.26 6.50
N SER D 17 -22.78 28.29 6.83
CA SER D 17 -22.02 29.54 6.79
C SER D 17 -21.64 29.99 5.37
N ARG D 18 -21.86 29.13 4.36
CA ARG D 18 -21.52 29.49 3.00
C ARG D 18 -22.73 29.87 2.19
N ASP D 19 -22.60 30.93 1.43
CA ASP D 19 -23.72 31.47 0.65
C ASP D 19 -23.85 30.84 -0.75
N ASN D 20 -22.79 30.24 -1.28
CA ASN D 20 -22.81 29.71 -2.63
C ASN D 20 -22.66 28.17 -2.68
N PHE D 21 -21.45 27.63 -2.67
CA PHE D 21 -21.25 26.17 -2.77
C PHE D 21 -21.25 25.54 -1.38
N SER D 22 -22.44 25.53 -0.79
CA SER D 22 -22.66 25.18 0.62
C SER D 22 -22.89 23.68 0.92
N THR D 23 -23.00 22.86 -0.11
CA THR D 23 -23.18 21.41 0.10
C THR D 23 -22.04 20.64 -0.51
N LEU D 24 -21.55 19.62 0.18
CA LEU D 24 -20.53 18.75 -0.37
C LEU D 24 -21.08 17.33 -0.46
N ILE D 25 -20.89 16.71 -1.62
CA ILE D 25 -21.16 15.28 -1.80
C ILE D 25 -19.84 14.61 -2.12
N GLY D 26 -19.66 13.41 -1.58
CA GLY D 26 -18.42 12.68 -1.77
C GLY D 26 -18.55 11.19 -1.88
N GLY D 27 -17.54 10.61 -2.51
CA GLY D 27 -17.37 9.16 -2.62
C GLY D 27 -16.07 8.85 -1.95
N GLU D 28 -15.46 7.73 -2.31
CA GLU D 28 -14.24 7.32 -1.69
C GLU D 28 -13.06 8.17 -2.09
N THR D 29 -12.97 8.49 -3.38
CA THR D 29 -11.81 9.21 -3.93
C THR D 29 -12.10 10.59 -4.47
N TRP D 30 -13.28 11.14 -4.20
CA TRP D 30 -13.70 12.43 -4.71
C TRP D 30 -14.74 13.08 -3.79
N ALA D 31 -14.85 14.39 -3.96
CA ALA D 31 -15.90 15.21 -3.34
C ALA D 31 -16.03 16.45 -4.20
N ILE D 32 -17.26 16.93 -4.41
CA ILE D 32 -17.51 18.16 -5.13
C ILE D 32 -18.51 18.96 -4.33
N GLU D 33 -18.37 20.28 -4.41
CA GLU D 33 -19.30 21.16 -3.74
C GLU D 33 -20.40 21.54 -4.70
N LEU D 34 -21.61 21.73 -4.16
CA LEU D 34 -22.79 22.06 -4.93
C LEU D 34 -23.49 23.29 -4.37
N ASP D 35 -24.04 24.08 -5.26
CA ASP D 35 -24.89 25.18 -4.84
C ASP D 35 -26.30 24.64 -4.51
N LYS D 36 -27.13 25.47 -3.90
CA LYS D 36 -28.44 25.04 -3.41
C LYS D 36 -29.37 24.50 -4.50
N SER D 37 -29.39 25.14 -5.66
CA SER D 37 -30.24 24.68 -6.76
CA SER D 37 -30.27 24.67 -6.73
C SER D 37 -29.74 23.32 -7.23
N GLU D 38 -28.42 23.18 -7.40
CA GLU D 38 -27.84 21.92 -7.80
C GLU D 38 -28.16 20.78 -6.82
N TRP D 39 -28.00 21.05 -5.52
CA TRP D 39 -28.31 20.04 -4.49
C TRP D 39 -29.79 19.58 -4.56
N LYS D 40 -30.69 20.55 -4.59
CA LYS D 40 -32.14 20.29 -4.59
C LYS D 40 -32.57 19.50 -5.82
N ILE D 41 -32.06 19.88 -6.98
CA ILE D 41 -32.38 19.16 -8.21
C ILE D 41 -31.83 17.74 -8.15
N LEU D 42 -30.61 17.59 -7.65
CA LEU D 42 -29.98 16.27 -7.54
C LEU D 42 -30.81 15.29 -6.69
N VAL D 43 -31.20 15.73 -5.49
CA VAL D 43 -32.00 14.89 -4.59
C VAL D 43 -33.30 14.42 -5.29
N GLU D 44 -33.97 15.35 -5.95
CA GLU D 44 -35.23 15.02 -6.62
C GLU D 44 -35.03 14.05 -7.79
N VAL D 45 -33.95 14.21 -8.54
CA VAL D 45 -33.60 13.32 -9.65
C VAL D 45 -33.27 11.94 -9.16
N VAL D 46 -32.43 11.88 -8.13
CA VAL D 46 -32.07 10.61 -7.54
C VAL D 46 -33.29 9.89 -6.92
N MSE D 47 -34.15 10.61 -6.20
CA MSE D 47 -35.35 10.00 -5.63
CA MSE D 47 -35.35 10.00 -5.62
C MSE D 47 -36.26 9.47 -6.73
O MSE D 47 -36.88 8.40 -6.58
CB MSE D 47 -36.13 10.99 -4.76
CB MSE D 47 -36.11 10.99 -4.68
CG MSE D 47 -35.47 11.40 -3.46
CG MSE D 47 -35.84 10.83 -3.15
SE MSE D 47 -34.87 9.91 -2.38
SE MSE D 47 -36.06 12.52 -2.12
CE MSE D 47 -33.15 9.77 -3.02
CE MSE D 47 -37.13 11.93 -0.56
N GLU D 48 -36.35 10.21 -7.84
CA GLU D 48 -37.18 9.76 -8.96
C GLU D 48 -36.62 8.44 -9.54
N LEU D 49 -35.31 8.37 -9.76
CA LEU D 49 -34.68 7.17 -10.33
C LEU D 49 -34.87 5.97 -9.40
N CYS D 50 -34.70 6.20 -8.10
CA CYS D 50 -34.90 5.12 -7.13
CA CYS D 50 -34.90 5.16 -7.07
C CYS D 50 -36.33 4.60 -7.12
N ASP D 51 -37.30 5.49 -7.19
CA ASP D 51 -38.69 5.09 -7.23
C ASP D 51 -38.95 4.27 -8.49
N GLN D 52 -38.43 4.72 -9.63
CA GLN D 52 -38.60 3.99 -10.88
C GLN D 52 -37.99 2.59 -10.80
N TYR D 53 -36.74 2.53 -10.38
CA TYR D 53 -36.05 1.28 -10.22
C TYR D 53 -36.85 0.32 -9.33
N LYS D 54 -37.39 0.83 -8.22
CA LYS D 54 -38.16 0.00 -7.29
C LYS D 54 -39.42 -0.55 -7.95
N LEU D 55 -40.04 0.23 -8.83
CA LEU D 55 -41.26 -0.21 -9.51
C LEU D 55 -41.02 -1.43 -10.41
N VAL D 56 -39.83 -1.51 -10.99
CA VAL D 56 -39.52 -2.61 -11.92
C VAL D 56 -38.59 -3.69 -11.40
N LYS D 57 -37.86 -3.38 -10.33
CA LYS D 57 -36.94 -4.33 -9.73
C LYS D 57 -37.44 -5.76 -9.63
N GLU D 58 -38.66 -5.96 -9.14
CA GLU D 58 -39.22 -7.31 -8.97
C GLU D 58 -39.63 -8.02 -10.27
N GLN D 59 -39.79 -7.27 -11.37
CA GLN D 59 -40.05 -7.89 -12.67
C GLN D 59 -38.74 -8.34 -13.35
N LEU D 60 -37.61 -7.83 -12.88
CA LEU D 60 -36.34 -8.20 -13.46
C LEU D 60 -36.04 -9.69 -13.26
N MSE D 61 -35.43 -10.32 -14.26
CA MSE D 61 -35.12 -11.75 -14.16
C MSE D 61 -33.64 -12.08 -14.12
O MSE D 61 -32.87 -11.61 -14.94
CB MSE D 61 -35.77 -12.49 -15.30
CG MSE D 61 -37.24 -12.65 -15.04
SE MSE D 61 -38.05 -13.34 -16.55
CE MSE D 61 -37.17 -15.16 -16.60
N GLY D 62 -33.25 -12.89 -13.15
CA GLY D 62 -31.86 -13.26 -12.96
C GLY D 62 -30.99 -12.04 -12.89
N ASP D 63 -29.91 -12.06 -13.68
CA ASP D 63 -28.91 -10.97 -13.73
C ASP D 63 -29.21 -9.85 -14.73
N GLU D 64 -30.44 -9.81 -15.24
CA GLU D 64 -30.85 -8.77 -16.21
C GLU D 64 -30.47 -7.37 -15.74
N ASP D 65 -29.90 -6.55 -16.64
CA ASP D 65 -29.52 -5.19 -16.31
C ASP D 65 -30.53 -4.18 -16.77
N ILE D 66 -30.65 -3.11 -15.98
CA ILE D 66 -31.52 -2.00 -16.26
C ILE D 66 -30.67 -0.74 -16.19
N THR D 67 -30.86 0.14 -17.15
CA THR D 67 -30.23 1.45 -17.16
C THR D 67 -31.31 2.51 -17.37
N LEU D 68 -31.31 3.50 -16.49
CA LEU D 68 -32.21 4.65 -16.59
C LEU D 68 -31.35 5.89 -16.66
N GLU D 69 -31.61 6.73 -17.65
CA GLU D 69 -30.86 7.98 -17.84
C GLU D 69 -31.83 9.12 -17.88
N LEU D 70 -31.79 9.93 -16.82
CA LEU D 70 -32.69 11.04 -16.65
C LEU D 70 -31.89 12.35 -16.62
N GLU D 71 -32.20 13.24 -17.55
CA GLU D 71 -31.54 14.56 -17.58
CA GLU D 71 -31.55 14.54 -17.60
C GLU D 71 -32.49 15.61 -17.05
N ARG D 72 -32.03 16.31 -16.02
CA ARG D 72 -32.75 17.42 -15.43
C ARG D 72 -31.65 18.44 -15.18
N ARG D 73 -31.51 19.36 -16.12
CA ARG D 73 -30.43 20.34 -16.09
C ARG D 73 -30.36 20.97 -14.69
N PRO D 74 -29.16 21.08 -14.13
CA PRO D 74 -27.83 20.78 -14.70
C PRO D 74 -27.30 19.37 -14.58
N TRP D 75 -28.14 18.39 -14.32
CA TRP D 75 -27.67 17.05 -14.11
C TRP D 75 -28.13 16.06 -15.17
N LEU D 76 -27.27 15.08 -15.44
CA LEU D 76 -27.59 13.87 -16.15
C LEU D 76 -27.24 12.78 -15.14
N ALA D 77 -28.25 12.02 -14.73
CA ALA D 77 -28.13 10.95 -13.76
C ALA D 77 -28.40 9.63 -14.43
N ILE D 78 -27.47 8.70 -14.27
CA ILE D 78 -27.56 7.38 -14.88
C ILE D 78 -27.53 6.30 -13.80
N LEU D 79 -28.66 5.62 -13.66
CA LEU D 79 -28.77 4.49 -12.75
C LEU D 79 -28.58 3.21 -13.59
N ASN D 80 -27.67 2.35 -13.14
CA ASN D 80 -27.39 1.10 -13.78
C ASN D 80 -27.34 0.00 -12.72
N GLY D 81 -28.04 -1.10 -12.96
CA GLY D 81 -28.06 -2.20 -11.99
C GLY D 81 -28.86 -3.39 -12.44
N ASP D 82 -29.16 -4.24 -11.47
CA ASP D 82 -29.90 -5.44 -11.70
C ASP D 82 -30.82 -5.57 -10.48
N GLN D 83 -31.48 -6.70 -10.31
CA GLN D 83 -32.41 -6.86 -9.21
C GLN D 83 -31.77 -6.83 -7.83
N TYR D 84 -30.45 -6.91 -7.76
CA TYR D 84 -29.74 -6.96 -6.50
C TYR D 84 -29.10 -5.64 -6.06
N GLY D 85 -29.10 -4.65 -6.93
CA GLY D 85 -28.44 -3.39 -6.62
C GLY D 85 -28.20 -2.55 -7.84
N TRP D 86 -27.77 -1.31 -7.61
CA TRP D 86 -27.46 -0.40 -8.69
C TRP D 86 -26.42 0.62 -8.30
N ASN D 87 -25.70 1.08 -9.31
CA ASN D 87 -24.71 2.15 -9.18
C ASN D 87 -25.29 3.43 -9.80
N LEU D 88 -24.62 4.54 -9.54
CA LEU D 88 -25.09 5.84 -10.02
C LEU D 88 -23.94 6.66 -10.50
N ARG D 89 -24.06 7.13 -11.74
CA ARG D 89 -23.10 8.01 -12.35
C ARG D 89 -23.80 9.35 -12.57
N LEU D 90 -23.15 10.44 -12.19
CA LEU D 90 -23.72 11.77 -12.31
C LEU D 90 -22.83 12.67 -13.14
N ILE D 91 -23.43 13.35 -14.13
CA ILE D 91 -22.75 14.32 -14.99
C ILE D 91 -23.34 15.70 -14.71
N LEU D 92 -22.49 16.60 -14.21
CA LEU D 92 -22.89 17.93 -13.81
C LEU D 92 -22.42 19.01 -14.78
N SER D 93 -23.36 19.85 -15.20
CA SER D 93 -23.06 20.96 -16.09
C SER D 93 -22.31 20.60 -17.38
N ALA D 94 -22.82 19.57 -18.05
CA ALA D 94 -22.28 19.13 -19.34
C ALA D 94 -22.40 20.20 -20.41
N SER D 95 -23.22 21.22 -20.22
CA SER D 95 -23.32 22.31 -21.23
C SER D 95 -22.00 23.07 -21.37
N GLY D 96 -21.14 22.99 -20.34
CA GLY D 96 -19.85 23.70 -20.38
C GLY D 96 -20.00 25.16 -19.97
N LEU D 97 -21.24 25.57 -19.72
CA LEU D 97 -21.54 26.92 -19.33
C LEU D 97 -21.65 26.96 -17.80
N PHE D 98 -21.72 28.20 -17.31
CA PHE D 98 -21.94 28.51 -15.91
C PHE D 98 -21.04 27.77 -14.96
N ASN D 99 -21.57 27.05 -13.99
CA ASN D 99 -20.75 26.38 -13.02
C ASN D 99 -19.83 25.30 -13.63
N ARG D 100 -18.72 25.08 -12.93
CA ARG D 100 -17.73 24.08 -13.28
C ARG D 100 -18.35 22.69 -13.49
N GLY D 101 -18.02 22.07 -14.63
CA GLY D 101 -18.45 20.70 -14.92
C GLY D 101 -17.76 19.63 -14.05
N ALA D 102 -18.45 18.52 -13.82
CA ALA D 102 -17.87 17.39 -13.09
C ALA D 102 -18.59 16.13 -13.44
N GLU D 103 -17.95 15.00 -13.20
CA GLU D 103 -18.60 13.69 -13.35
C GLU D 103 -18.24 12.88 -12.12
N VAL D 104 -19.21 12.27 -11.45
CA VAL D 104 -18.92 11.48 -10.26
C VAL D 104 -19.71 10.18 -10.25
N TYR D 105 -19.26 9.24 -9.45
CA TYR D 105 -19.84 7.91 -9.42
C TYR D 105 -19.85 7.33 -8.02
N TRP D 106 -20.98 6.72 -7.66
CA TRP D 106 -21.10 5.90 -6.44
C TRP D 106 -21.44 4.44 -6.85
N PRO D 107 -20.72 3.45 -6.31
CA PRO D 107 -20.97 2.04 -6.65
C PRO D 107 -22.19 1.48 -5.95
N ARG D 108 -22.58 0.25 -6.25
N ARG D 108 -22.55 0.24 -6.26
CA ARG D 108 -23.81 -0.28 -5.64
CA ARG D 108 -23.72 -0.37 -5.66
C ARG D 108 -23.84 -0.44 -4.12
C ARG D 108 -23.63 -0.50 -4.14
N HIS D 109 -22.71 -0.78 -3.52
N HIS D 109 -24.79 -0.67 -3.53
CA HIS D 109 -22.66 -1.00 -2.06
CA HIS D 109 -24.91 -0.81 -2.08
C HIS D 109 -22.76 0.29 -1.27
C HIS D 109 -24.72 0.53 -1.41
N VAL D 110 -22.94 1.40 -1.98
N VAL D 110 -23.59 1.19 -1.74
CA VAL D 110 -23.01 2.74 -1.41
CA VAL D 110 -23.28 2.52 -1.24
C VAL D 110 -24.31 3.51 -1.71
C VAL D 110 -24.38 3.48 -1.67
N THR D 111 -24.84 3.35 -2.91
CA THR D 111 -26.00 4.13 -3.36
C THR D 111 -27.21 4.11 -2.42
N ASN D 112 -27.53 2.95 -1.84
N ASN D 112 -27.46 2.96 -1.81
CA ASN D 112 -28.65 2.83 -0.89
CA ASN D 112 -28.62 2.80 -0.92
C ASN D 112 -28.50 3.75 0.30
C ASN D 112 -28.49 3.66 0.33
N ASN D 113 -27.28 3.80 0.83
CA ASN D 113 -26.99 4.64 2.00
C ASN D 113 -27.06 6.11 1.64
N VAL D 114 -26.58 6.45 0.45
CA VAL D 114 -26.62 7.84 -0.05
C VAL D 114 -28.09 8.28 -0.19
N VAL D 115 -28.87 7.47 -0.89
CA VAL D 115 -30.30 7.72 -1.02
C VAL D 115 -30.98 7.94 0.32
N ASN D 116 -30.77 7.03 1.28
CA ASN D 116 -31.37 7.19 2.60
C ASN D 116 -30.97 8.48 3.29
N ALA D 117 -29.69 8.86 3.14
CA ALA D 117 -29.16 10.10 3.70
C ALA D 117 -29.84 11.33 3.06
N MSE D 118 -30.08 11.25 1.76
CA MSE D 118 -30.74 12.33 1.05
C MSE D 118 -32.19 12.46 1.50
O MSE D 118 -32.65 13.59 1.69
CB MSE D 118 -30.71 12.13 -0.47
CG MSE D 118 -29.36 12.33 -1.04
SE MSE D 118 -29.40 11.83 -2.95
CE MSE D 118 -27.58 12.44 -3.30
N ARG D 119 -32.88 11.34 1.66
CA ARG D 119 -34.25 11.36 2.16
C ARG D 119 -34.37 11.98 3.54
N SER D 120 -33.42 11.69 4.41
CA SER D 120 -33.46 12.21 5.77
C SER D 120 -33.10 13.69 5.83
N MSE D 121 -32.27 14.14 4.90
CA MSE D 121 -31.90 15.55 4.86
C MSE D 121 -32.94 16.42 4.24
O MSE D 121 -33.04 17.60 4.58
CB MSE D 121 -30.63 15.73 4.12
CG MSE D 121 -29.52 15.32 4.93
SE MSE D 121 -28.11 15.30 3.74
CE MSE D 121 -26.68 15.43 5.13
N TRP D 122 -33.71 15.85 3.33
CA TRP D 122 -34.83 16.57 2.74
C TRP D 122 -35.76 16.96 3.90
N ASP D 123 -36.01 15.99 4.80
CA ASP D 123 -36.91 16.19 5.95
C ASP D 123 -36.16 16.76 7.15
CL CL E . 22.07 -28.06 -0.92
C1 PGE F . 3.71 -10.37 14.98
O1 PGE F . 4.46 -9.80 16.06
C2 PGE F . 4.10 -9.72 13.67
O2 PGE F . 5.49 -9.93 13.40
C3 PGE F . 5.86 -9.49 12.09
C4 PGE F . 7.29 -9.90 11.89
O4 PGE F . 7.87 -13.75 12.94
C6 PGE F . 8.95 -12.86 12.74
C5 PGE F . 8.54 -11.95 11.61
O3 PGE F . 7.31 -11.33 11.94
C1 PGE G . 23.83 -5.60 2.69
O1 PGE G . 24.44 -6.66 1.94
C2 PGE G . 24.10 -5.81 4.17
O2 PGE G . 23.08 -6.64 4.73
C3 PGE G . 22.60 -6.23 6.02
C4 PGE G . 21.50 -7.20 6.43
O4 PGE G . 21.82 -10.94 4.75
C6 PGE G . 20.63 -10.44 5.32
C5 PGE G . 20.97 -9.57 6.51
O3 PGE G . 21.88 -8.55 6.16
C1 EDO H . 7.33 -5.97 11.70
O1 EDO H . 7.28 -6.72 12.91
C2 EDO H . 7.97 -4.62 11.99
O2 EDO H . 8.80 -4.22 10.89
C1 EDO I . -10.09 12.82 -1.85
O1 EDO I . -9.36 11.78 -1.17
C2 EDO I . -10.89 13.59 -0.81
O2 EDO I . -12.29 13.41 -1.00
C1 EDO J . 0.71 23.81 3.54
O1 EDO J . 0.89 25.21 3.25
C2 EDO J . -0.50 23.62 4.45
O2 EDO J . -0.23 22.68 5.51
C1 PGE K . -17.05 8.88 -13.28
O1 PGE K . -16.85 9.79 -14.36
C2 PGE K . -17.86 7.69 -13.76
O2 PGE K . -17.18 6.44 -13.59
C3 PGE K . -17.92 5.33 -14.13
C4 PGE K . -18.05 5.41 -15.65
C1 EDO L . -15.92 18.36 7.52
O1 EDO L . -15.52 17.00 7.67
C2 EDO L . -16.16 19.01 8.88
O2 EDO L . -17.02 18.20 9.68
C TRS M . -23.84 -4.53 -13.68
C1 TRS M . -25.19 -3.95 -13.24
C2 TRS M . -23.13 -5.18 -12.49
C3 TRS M . -22.95 -3.39 -14.19
N TRS M . -24.08 -5.55 -14.71
O1 TRS M . -26.06 -5.01 -12.88
O2 TRS M . -22.21 -6.15 -12.94
O3 TRS M . -23.22 -3.05 -15.54
#